data_7O5S
#
_entry.id   7O5S
#
_cell.length_a   82.592
_cell.length_b   112.101
_cell.length_c   62.515
_cell.angle_alpha   90.000
_cell.angle_beta   90.000
_cell.angle_gamma   90.000
#
_symmetry.space_group_name_H-M   'C 2 2 21'
#
loop_
_entity.id
_entity.type
_entity.pdbx_description
1 polymer '14-3-3 protein sigma'
2 polymer 'Transcription factor p65'
3 non-polymer 'CHLORIDE ION'
4 non-polymer 4-methanoyl-~{N}-[(3-methoxyphenyl)methyl]benzamide
5 non-polymer 'MAGNESIUM ION'
6 non-polymer GLYCEROL
7 water water
#
loop_
_entity_poly.entity_id
_entity_poly.type
_entity_poly.pdbx_seq_one_letter_code
_entity_poly.pdbx_strand_id
1 'polypeptide(L)'
;GAMGSMERASLIQKAKLAEQAERYEDMAAFMKGAVEKGEELS(CSO)EERNLLSVAYKNVVGGQRAAWRVLSSIEQKSNE
EGSEEKGPEVREYREKVETELQGVCDTVLGLLDSHLIKEAGDAESRVFYLKMKGDYYRYLAEVATGDDKKRIIDSARSAY
QEAMDISKKEMPPTNPIRLGLALNFSVFHYEIANSPEEAISLAKTTFDEAMADLHTLSEDSYKDSTLIMQLLRDNLTLWT
;
A
2 'polypeptide(L)' EGRSAG(SEP)IPGRRS P
#
loop_
_chem_comp.id
_chem_comp.type
_chem_comp.name
_chem_comp.formula
CL non-polymer 'CHLORIDE ION' 'Cl -1'
GOL non-polymer GLYCEROL 'C3 H8 O3'
MG non-polymer 'MAGNESIUM ION' 'Mg 2'
V3Q non-polymer 4-methanoyl-~{N}-[(3-methoxyphenyl)methyl]benzamide 'C16 H15 N O3'
#
# COMPACT_ATOMS: atom_id res chain seq x y z
N MET A 3 16.77 -15.65 -5.82
CA MET A 3 15.81 -16.67 -6.25
C MET A 3 15.94 -16.97 -7.74
N GLY A 4 17.08 -16.58 -8.31
CA GLY A 4 17.27 -16.74 -9.75
C GLY A 4 17.22 -18.18 -10.24
N SER A 5 17.58 -19.13 -9.39
N SER A 5 17.57 -19.13 -9.38
CA SER A 5 17.57 -20.53 -9.84
CA SER A 5 17.58 -20.54 -9.79
C SER A 5 16.23 -21.23 -9.62
C SER A 5 16.23 -21.23 -9.63
N MET A 6 15.26 -20.61 -8.96
CA MET A 6 13.94 -21.21 -8.79
C MET A 6 12.96 -20.88 -9.92
N GLU A 7 12.18 -21.87 -10.32
CA GLU A 7 11.13 -21.63 -11.32
C GLU A 7 10.14 -20.57 -10.85
N ARG A 8 9.65 -19.76 -11.79
CA ARG A 8 8.62 -18.77 -11.46
C ARG A 8 7.42 -19.42 -10.79
N ALA A 9 6.94 -20.55 -11.35
CA ALA A 9 5.72 -21.15 -10.77
C ALA A 9 5.98 -21.65 -9.35
N SER A 10 7.20 -22.16 -9.10
CA SER A 10 7.57 -22.61 -7.74
C SER A 10 7.65 -21.45 -6.76
N LEU A 11 8.19 -20.30 -7.20
CA LEU A 11 8.18 -19.10 -6.35
C LEU A 11 6.76 -18.70 -5.99
N ILE A 12 5.85 -18.70 -6.96
CA ILE A 12 4.45 -18.35 -6.68
C ILE A 12 3.84 -19.34 -5.71
N GLN A 13 4.05 -20.64 -5.97
CA GLN A 13 3.50 -21.66 -5.07
C GLN A 13 4.04 -21.48 -3.66
N LYS A 14 5.35 -21.22 -3.52
CA LYS A 14 5.92 -21.04 -2.19
C LYS A 14 5.46 -19.74 -1.54
N ALA A 15 5.22 -18.68 -2.33
CA ALA A 15 4.63 -17.48 -1.73
C ALA A 15 3.27 -17.79 -1.11
N LYS A 16 2.47 -18.61 -1.78
CA LYS A 16 1.16 -18.95 -1.21
C LYS A 16 1.31 -19.77 0.06
N LEU A 17 2.26 -20.71 0.08
CA LEU A 17 2.52 -21.48 1.29
C LEU A 17 3.00 -20.58 2.43
N ALA A 18 3.90 -19.65 2.12
CA ALA A 18 4.40 -18.73 3.14
C ALA A 18 3.27 -17.91 3.71
N GLU A 19 2.32 -17.47 2.86
CA GLU A 19 1.19 -16.73 3.39
C GLU A 19 0.38 -17.60 4.35
N GLN A 20 0.19 -18.88 4.01
CA GLN A 20 -0.57 -19.76 4.90
C GLN A 20 0.14 -19.95 6.23
N ALA A 21 1.47 -19.95 6.21
CA ALA A 21 2.29 -20.11 7.40
C ALA A 21 2.59 -18.80 8.10
N GLU A 22 2.06 -17.68 7.59
CA GLU A 22 2.31 -16.34 8.13
C GLU A 22 3.80 -16.04 8.17
N ARG A 23 4.53 -16.48 7.14
CA ARG A 23 5.95 -16.20 6.99
C ARG A 23 6.09 -15.13 5.92
N TYR A 24 5.80 -13.89 6.32
CA TYR A 24 5.67 -12.84 5.32
C TYR A 24 7.00 -12.38 4.74
N GLU A 25 8.09 -12.43 5.52
N GLU A 25 8.08 -12.44 5.52
CA GLU A 25 9.40 -12.12 4.96
CA GLU A 25 9.39 -12.12 4.94
C GLU A 25 9.74 -13.10 3.83
C GLU A 25 9.73 -13.10 3.82
N ASP A 26 9.52 -14.39 4.06
CA ASP A 26 9.71 -15.38 3.01
C ASP A 26 8.80 -15.09 1.82
N MET A 27 7.53 -14.85 2.10
CA MET A 27 6.56 -14.50 1.04
C MET A 27 7.10 -13.40 0.16
N ALA A 28 7.61 -12.32 0.77
CA ALA A 28 8.07 -11.16 0.02
C ALA A 28 9.28 -11.52 -0.83
N ALA A 29 10.20 -12.29 -0.27
CA ALA A 29 11.37 -12.72 -1.02
C ALA A 29 10.98 -13.61 -2.21
N PHE A 30 10.00 -14.49 -2.03
CA PHE A 30 9.54 -15.32 -3.14
C PHE A 30 8.90 -14.46 -4.23
N MET A 31 8.01 -13.54 -3.85
CA MET A 31 7.38 -12.64 -4.83
C MET A 31 8.38 -11.70 -5.48
N LYS A 32 9.38 -11.21 -4.74
CA LYS A 32 10.45 -10.44 -5.36
C LYS A 32 11.14 -11.27 -6.45
N GLY A 33 11.46 -12.52 -6.13
CA GLY A 33 12.03 -13.40 -7.15
C GLY A 33 11.11 -13.60 -8.34
N ALA A 34 9.79 -13.74 -8.09
CA ALA A 34 8.85 -13.90 -9.21
C ALA A 34 8.82 -12.67 -10.10
N VAL A 35 8.79 -11.48 -9.50
CA VAL A 35 8.81 -10.25 -10.30
C VAL A 35 10.07 -10.19 -11.15
N GLU A 36 11.21 -10.54 -10.56
CA GLU A 36 12.48 -10.44 -11.26
C GLU A 36 12.62 -11.46 -12.37
N LYS A 37 11.68 -12.39 -12.50
CA LYS A 37 11.67 -13.23 -13.70
C LYS A 37 11.35 -12.41 -14.95
N GLY A 38 10.79 -11.23 -14.79
CA GLY A 38 10.60 -10.31 -15.90
C GLY A 38 9.24 -10.39 -16.57
N GLU A 39 8.42 -11.37 -16.24
CA GLU A 39 7.07 -11.45 -16.82
C GLU A 39 6.09 -10.58 -16.03
N GLU A 40 5.03 -10.12 -16.70
CA GLU A 40 3.99 -9.40 -15.99
C GLU A 40 3.34 -10.31 -14.95
N LEU A 41 2.64 -9.71 -14.00
CA LEU A 41 1.97 -10.45 -12.94
C LEU A 41 0.48 -10.51 -13.21
N SER A 42 -0.13 -11.65 -12.90
CA SER A 42 -1.58 -11.76 -12.98
C SER A 42 -2.22 -11.03 -11.81
N CSO A 43 -3.55 -10.96 -11.79
CA CSO A 43 -4.29 -10.31 -10.70
CB CSO A 43 -5.79 -10.37 -11.00
SG CSO A 43 -6.77 -9.60 -9.70
C CSO A 43 -3.97 -10.95 -9.35
O CSO A 43 -3.64 -10.26 -8.37
OD CSO A 43 -7.19 -10.83 -8.48
N GLU A 44 -4.04 -12.27 -9.29
CA GLU A 44 -3.72 -12.99 -8.06
C GLU A 44 -2.25 -12.77 -7.64
N GLU A 45 -1.35 -12.77 -8.62
CA GLU A 45 0.07 -12.57 -8.31
C GLU A 45 0.33 -11.16 -7.80
N ARG A 46 -0.35 -10.15 -8.35
CA ARG A 46 -0.21 -8.81 -7.81
C ARG A 46 -0.67 -8.76 -6.37
N ASN A 47 -1.76 -9.46 -6.06
CA ASN A 47 -2.21 -9.53 -4.66
C ASN A 47 -1.15 -10.16 -3.79
N LEU A 48 -0.52 -11.25 -4.24
CA LEU A 48 0.49 -11.89 -3.41
C LEU A 48 1.65 -10.95 -3.12
N LEU A 49 2.10 -10.23 -4.14
CA LEU A 49 3.20 -9.29 -3.96
C LEU A 49 2.82 -8.22 -2.94
N SER A 50 1.62 -7.66 -3.09
CA SER A 50 1.17 -6.58 -2.22
C SER A 50 0.98 -7.06 -0.79
N VAL A 51 0.30 -8.20 -0.61
CA VAL A 51 0.07 -8.74 0.73
C VAL A 51 1.40 -8.95 1.45
N ALA A 52 2.37 -9.53 0.75
CA ALA A 52 3.64 -9.87 1.37
C ALA A 52 4.33 -8.63 1.90
N TYR A 53 4.50 -7.63 1.05
CA TYR A 53 5.26 -6.47 1.50
C TYR A 53 4.44 -5.61 2.47
N LYS A 54 3.12 -5.60 2.32
CA LYS A 54 2.30 -4.85 3.26
C LYS A 54 2.48 -5.39 4.67
N ASN A 55 2.51 -6.71 4.82
CA ASN A 55 2.71 -7.30 6.12
C ASN A 55 4.12 -7.04 6.65
N VAL A 56 5.14 -7.14 5.79
CA VAL A 56 6.52 -6.91 6.27
C VAL A 56 6.66 -5.48 6.76
N VAL A 57 6.32 -4.50 5.92
N VAL A 57 6.34 -4.50 5.91
CA VAL A 57 6.46 -3.11 6.31
CA VAL A 57 6.44 -3.10 6.30
C VAL A 57 5.46 -2.77 7.41
C VAL A 57 5.49 -2.81 7.45
N GLY A 58 4.33 -3.47 7.47
CA GLY A 58 3.37 -3.21 8.54
C GLY A 58 3.96 -3.50 9.91
N GLY A 59 4.66 -4.63 10.05
CA GLY A 59 5.37 -4.92 11.29
C GLY A 59 6.48 -3.93 11.59
N GLN A 60 7.21 -3.49 10.56
CA GLN A 60 8.27 -2.50 10.76
C GLN A 60 7.68 -1.18 11.23
N ARG A 61 6.58 -0.76 10.60
CA ARG A 61 5.95 0.51 11.01
C ARG A 61 5.48 0.44 12.45
N ALA A 62 4.87 -0.68 12.85
CA ALA A 62 4.40 -0.81 14.21
C ALA A 62 5.56 -0.76 15.20
N ALA A 63 6.67 -1.43 14.87
CA ALA A 63 7.85 -1.36 15.75
C ALA A 63 8.43 0.05 15.79
N TRP A 64 8.53 0.71 14.62
CA TRP A 64 9.05 2.07 14.59
C TRP A 64 8.21 2.99 15.47
N ARG A 65 6.88 2.82 15.45
CA ARG A 65 6.05 3.71 16.26
C ARG A 65 6.25 3.46 17.75
N VAL A 66 6.40 2.19 18.16
CA VAL A 66 6.71 1.88 19.55
C VAL A 66 8.00 2.59 19.96
N LEU A 67 9.05 2.45 19.14
CA LEU A 67 10.35 2.99 19.52
C LEU A 67 10.36 4.52 19.45
N SER A 68 9.71 5.09 18.43
CA SER A 68 9.65 6.55 18.33
C SER A 68 8.93 7.15 19.53
N SER A 69 7.89 6.47 20.02
CA SER A 69 7.17 6.93 21.21
C SER A 69 8.06 6.88 22.44
N ILE A 70 8.79 5.77 22.62
CA ILE A 70 9.74 5.70 23.74
C ILE A 70 10.78 6.80 23.60
N GLU A 71 11.30 7.01 22.38
CA GLU A 71 12.33 8.02 22.16
C GLU A 71 11.84 9.40 22.54
N GLN A 72 10.58 9.72 22.20
CA GLN A 72 10.06 11.05 22.50
C GLN A 72 9.84 11.23 23.99
N LYS A 73 9.40 10.19 24.69
CA LYS A 73 9.30 10.29 26.14
C LYS A 73 10.67 10.55 26.78
N SER A 74 11.73 9.98 26.23
CA SER A 74 13.06 10.19 26.79
C SER A 74 13.57 11.61 26.58
N ASN A 75 13.06 12.33 25.58
CA ASN A 75 13.53 13.69 25.31
C ASN A 75 12.53 14.74 25.81
N GLY A 83 20.82 7.28 27.45
CA GLY A 83 21.91 7.11 26.50
C GLY A 83 21.45 7.14 25.06
N PRO A 84 22.33 6.77 24.14
CA PRO A 84 21.97 6.78 22.71
C PRO A 84 21.17 5.58 22.26
N GLU A 85 20.86 4.62 23.15
CA GLU A 85 20.39 3.33 22.67
C GLU A 85 19.02 3.41 21.99
N VAL A 86 18.08 4.16 22.57
CA VAL A 86 16.74 4.17 21.99
C VAL A 86 16.77 4.80 20.60
N ARG A 87 17.48 5.93 20.46
CA ARG A 87 17.63 6.55 19.15
C ARG A 87 18.32 5.59 18.19
N GLU A 88 19.41 4.96 18.64
CA GLU A 88 20.17 4.06 17.77
C GLU A 88 19.29 2.94 17.26
N TYR A 89 18.48 2.35 18.14
CA TYR A 89 17.66 1.21 17.74
C TYR A 89 16.48 1.65 16.87
N ARG A 90 15.89 2.81 17.18
CA ARG A 90 14.86 3.36 16.28
C ARG A 90 15.44 3.61 14.89
N GLU A 91 16.68 4.12 14.83
CA GLU A 91 17.34 4.34 13.55
C GLU A 91 17.57 3.04 12.80
N LYS A 92 17.96 1.97 13.51
CA LYS A 92 18.15 0.67 12.88
C LYS A 92 16.86 0.20 12.23
N VAL A 93 15.77 0.20 12.99
CA VAL A 93 14.47 -0.21 12.47
C VAL A 93 14.06 0.69 11.32
N GLU A 94 14.25 2.00 11.47
CA GLU A 94 13.89 2.94 10.42
C GLU A 94 14.65 2.67 9.13
N THR A 95 15.96 2.39 9.24
CA THR A 95 16.74 2.07 8.05
C THR A 95 16.26 0.80 7.39
N GLU A 96 15.90 -0.21 8.20
N GLU A 96 15.88 -0.20 8.19
CA GLU A 96 15.39 -1.45 7.61
CA GLU A 96 15.40 -1.46 7.63
C GLU A 96 14.07 -1.22 6.91
C GLU A 96 14.07 -1.25 6.92
N LEU A 97 13.18 -0.45 7.52
CA LEU A 97 11.92 -0.09 6.88
C LEU A 97 12.15 0.64 5.56
N GLN A 98 13.05 1.63 5.57
CA GLN A 98 13.34 2.36 4.35
C GLN A 98 13.88 1.42 3.28
N GLY A 99 14.66 0.42 3.68
CA GLY A 99 15.21 -0.48 2.69
C GLY A 99 14.14 -1.32 2.04
N VAL A 100 13.15 -1.76 2.83
CA VAL A 100 12.04 -2.53 2.27
C VAL A 100 11.20 -1.66 1.35
N CYS A 101 10.91 -0.42 1.75
CA CYS A 101 10.16 0.48 0.86
C CYS A 101 10.93 0.71 -0.44
N ASP A 102 12.25 0.94 -0.34
CA ASP A 102 13.04 1.13 -1.55
C ASP A 102 13.00 -0.11 -2.44
N THR A 103 13.00 -1.28 -1.83
CA THR A 103 12.97 -2.51 -2.63
C THR A 103 11.68 -2.62 -3.42
N VAL A 104 10.55 -2.37 -2.76
CA VAL A 104 9.25 -2.41 -3.46
C VAL A 104 9.21 -1.34 -4.54
N LEU A 105 9.62 -0.11 -4.21
CA LEU A 105 9.61 0.95 -5.22
C LEU A 105 10.51 0.57 -6.39
N GLY A 106 11.61 -0.10 -6.11
CA GLY A 106 12.49 -0.55 -7.17
C GLY A 106 11.83 -1.57 -8.08
N LEU A 107 11.03 -2.47 -7.50
CA LEU A 107 10.31 -3.45 -8.32
C LEU A 107 9.28 -2.75 -9.20
N LEU A 108 8.55 -1.79 -8.64
CA LEU A 108 7.55 -1.07 -9.44
C LEU A 108 8.22 -0.33 -10.57
N ASP A 109 9.39 0.23 -10.33
CA ASP A 109 10.10 1.02 -11.33
C ASP A 109 10.87 0.16 -12.33
N SER A 110 11.20 -1.08 -11.95
CA SER A 110 11.97 -1.99 -12.80
C SER A 110 11.37 -3.40 -12.75
N HIS A 111 10.30 -3.65 -13.51
CA HIS A 111 9.72 -2.74 -14.51
C HIS A 111 8.20 -2.93 -14.54
N LEU A 112 7.61 -3.12 -13.36
CA LEU A 112 6.18 -3.45 -13.28
C LEU A 112 5.32 -2.35 -13.89
N ILE A 113 5.55 -1.09 -13.51
CA ILE A 113 4.63 -0.02 -13.92
C ILE A 113 4.71 0.22 -15.42
N LYS A 114 5.93 0.29 -15.95
CA LYS A 114 6.03 0.63 -17.37
C LYS A 114 5.41 -0.44 -18.24
N GLU A 115 5.35 -1.69 -17.78
CA GLU A 115 4.72 -2.70 -18.59
C GLU A 115 3.23 -2.88 -18.30
N ALA A 116 2.65 -2.12 -17.36
CA ALA A 116 1.26 -2.32 -16.97
C ALA A 116 0.35 -1.43 -17.81
N GLY A 117 -0.43 -2.03 -18.71
CA GLY A 117 -1.29 -1.25 -19.61
C GLY A 117 -2.77 -1.26 -19.25
N ASP A 118 -3.23 -2.34 -18.63
CA ASP A 118 -4.62 -2.44 -18.24
C ASP A 118 -4.85 -1.59 -17.00
N ALA A 119 -6.04 -0.98 -16.93
CA ALA A 119 -6.37 -0.16 -15.78
C ALA A 119 -6.18 -0.90 -14.46
N GLU A 120 -6.60 -2.19 -14.39
CA GLU A 120 -6.53 -2.91 -13.13
C GLU A 120 -5.09 -3.08 -12.66
N SER A 121 -4.17 -3.35 -13.58
CA SER A 121 -2.78 -3.49 -13.15
C SER A 121 -2.13 -2.13 -12.90
N ARG A 122 -2.35 -1.17 -13.79
CA ARG A 122 -1.65 0.11 -13.66
C ARG A 122 -2.09 0.85 -12.40
N VAL A 123 -3.40 0.91 -12.16
CA VAL A 123 -3.90 1.57 -10.95
C VAL A 123 -3.37 0.87 -9.71
N PHE A 124 -3.35 -0.47 -9.74
CA PHE A 124 -2.85 -1.23 -8.58
C PHE A 124 -1.40 -0.88 -8.27
N TYR A 125 -0.53 -0.88 -9.30
CA TYR A 125 0.88 -0.62 -9.03
C TYR A 125 1.08 0.83 -8.61
N LEU A 126 0.30 1.76 -9.17
CA LEU A 126 0.50 3.16 -8.79
C LEU A 126 0.00 3.41 -7.38
N LYS A 127 -1.08 2.73 -6.97
CA LYS A 127 -1.48 2.78 -5.57
C LYS A 127 -0.36 2.27 -4.66
N MET A 128 0.23 1.11 -4.99
CA MET A 128 1.41 0.69 -4.21
C MET A 128 2.52 1.72 -4.19
N LYS A 129 2.81 2.34 -5.32
CA LYS A 129 3.87 3.34 -5.34
C LYS A 129 3.56 4.48 -4.37
N GLY A 130 2.31 4.97 -4.41
CA GLY A 130 1.90 5.97 -3.43
C GLY A 130 2.04 5.48 -2.01
N ASP A 131 1.60 4.25 -1.74
CA ASP A 131 1.68 3.68 -0.40
C ASP A 131 3.12 3.63 0.11
N TYR A 132 4.05 3.13 -0.71
CA TYR A 132 5.41 2.96 -0.16
C TYR A 132 6.13 4.29 -0.02
N TYR A 133 5.81 5.28 -0.86
CA TYR A 133 6.30 6.63 -0.57
C TYR A 133 5.63 7.20 0.68
N ARG A 134 4.34 6.90 0.89
CA ARG A 134 3.70 7.32 2.12
C ARG A 134 4.41 6.75 3.35
N TYR A 135 4.79 5.48 3.31
CA TYR A 135 5.53 4.90 4.45
C TYR A 135 6.87 5.58 4.63
N LEU A 136 7.59 5.86 3.52
CA LEU A 136 8.80 6.65 3.63
C LEU A 136 8.51 8.01 4.26
N ALA A 137 7.42 8.66 3.85
CA ALA A 137 7.09 9.96 4.42
C ALA A 137 6.82 9.88 5.92
N GLU A 138 6.26 8.76 6.41
CA GLU A 138 5.95 8.67 7.83
C GLU A 138 7.18 8.84 8.72
N VAL A 139 8.34 8.43 8.23
CA VAL A 139 9.58 8.49 9.01
C VAL A 139 10.51 9.58 8.52
N ALA A 140 10.13 10.34 7.51
CA ALA A 140 11.01 11.34 6.93
C ALA A 140 11.00 12.62 7.76
N THR A 141 12.16 13.25 7.88
CA THR A 141 12.25 14.52 8.59
C THR A 141 12.99 15.55 7.73
N GLY A 142 14.19 15.19 7.29
CA GLY A 142 15.15 16.12 6.71
C GLY A 142 14.84 16.70 5.34
N ASP A 143 15.88 16.79 4.51
CA ASP A 143 15.80 17.61 3.30
C ASP A 143 14.80 17.09 2.27
N ASP A 144 14.41 15.82 2.37
CA ASP A 144 13.61 15.20 1.33
C ASP A 144 12.19 14.87 1.76
N LYS A 145 11.76 15.24 2.97
CA LYS A 145 10.40 14.93 3.38
C LYS A 145 9.39 15.52 2.41
N LYS A 146 9.60 16.76 1.97
CA LYS A 146 8.70 17.36 1.00
C LYS A 146 8.73 16.61 -0.31
N ARG A 147 9.92 16.26 -0.80
CA ARG A 147 9.98 15.57 -2.09
C ARG A 147 9.33 14.20 -1.99
N ILE A 148 9.50 13.51 -0.85
CA ILE A 148 8.90 12.19 -0.68
C ILE A 148 7.37 12.30 -0.69
N ILE A 149 6.83 13.30 0.00
CA ILE A 149 5.39 13.54 0.03
C ILE A 149 4.86 13.81 -1.38
N ASP A 150 5.58 14.63 -2.15
CA ASP A 150 5.11 14.90 -3.50
C ASP A 150 5.18 13.66 -4.38
N SER A 151 6.16 12.78 -4.13
CA SER A 151 6.23 11.54 -4.88
C SER A 151 5.03 10.66 -4.57
N ALA A 152 4.66 10.56 -3.29
CA ALA A 152 3.45 9.82 -2.94
C ALA A 152 2.23 10.46 -3.61
N ARG A 153 2.07 11.78 -3.47
N ARG A 153 2.07 11.77 -3.46
CA ARG A 153 0.91 12.46 -4.03
CA ARG A 153 0.92 12.48 -4.03
C ARG A 153 0.80 12.24 -5.54
C ARG A 153 0.81 12.22 -5.53
N SER A 154 1.93 12.31 -6.25
CA SER A 154 1.90 12.18 -7.69
C SER A 154 1.48 10.79 -8.12
N ALA A 155 1.96 9.76 -7.42
CA ALA A 155 1.57 8.39 -7.75
C ALA A 155 0.09 8.17 -7.50
N TYR A 156 -0.38 8.58 -6.32
CA TYR A 156 -1.80 8.47 -6.01
C TYR A 156 -2.65 9.21 -7.02
N GLN A 157 -2.23 10.42 -7.39
CA GLN A 157 -3.02 11.25 -8.30
C GLN A 157 -3.13 10.59 -9.66
N GLU A 158 -2.02 10.06 -10.19
CA GLU A 158 -2.11 9.39 -11.49
C GLU A 158 -3.02 8.18 -11.43
N ALA A 159 -2.93 7.40 -10.34
CA ALA A 159 -3.85 6.27 -10.16
C ALA A 159 -5.30 6.73 -10.07
N MET A 160 -5.58 7.81 -9.32
CA MET A 160 -6.93 8.36 -9.25
C MET A 160 -7.45 8.72 -10.64
N ASP A 161 -6.64 9.44 -11.41
CA ASP A 161 -7.10 9.88 -12.74
C ASP A 161 -7.48 8.68 -13.61
N ILE A 162 -6.64 7.64 -13.63
CA ILE A 162 -6.96 6.45 -14.42
C ILE A 162 -8.21 5.76 -13.89
N SER A 163 -8.31 5.61 -12.55
CA SER A 163 -9.42 4.86 -11.98
C SER A 163 -10.75 5.55 -12.22
N LYS A 164 -10.77 6.89 -12.18
CA LYS A 164 -12.03 7.55 -12.46
C LYS A 164 -12.43 7.41 -13.92
N LYS A 165 -11.46 7.30 -14.81
CA LYS A 165 -11.75 7.18 -16.24
C LYS A 165 -12.13 5.75 -16.63
N GLU A 166 -11.52 4.75 -15.99
CA GLU A 166 -11.56 3.38 -16.47
C GLU A 166 -12.27 2.39 -15.57
N MET A 167 -12.68 2.77 -14.37
CA MET A 167 -13.18 1.77 -13.44
C MET A 167 -14.51 2.26 -12.89
N PRO A 168 -15.45 1.37 -12.60
CA PRO A 168 -16.70 1.81 -11.97
C PRO A 168 -16.46 2.26 -10.54
N PRO A 169 -17.33 3.11 -9.99
CA PRO A 169 -17.09 3.65 -8.65
C PRO A 169 -17.07 2.61 -7.55
N THR A 170 -17.59 1.40 -7.80
CA THR A 170 -17.54 0.34 -6.79
C THR A 170 -16.34 -0.58 -6.94
N ASN A 171 -15.51 -0.39 -7.94
CA ASN A 171 -14.35 -1.27 -8.11
C ASN A 171 -13.49 -1.29 -6.85
N PRO A 172 -13.23 -2.47 -6.26
CA PRO A 172 -12.46 -2.51 -5.01
C PRO A 172 -11.09 -1.86 -5.08
N ILE A 173 -10.41 -1.97 -6.22
CA ILE A 173 -9.12 -1.30 -6.35
C ILE A 173 -9.31 0.22 -6.33
N ARG A 174 -10.31 0.71 -7.06
CA ARG A 174 -10.60 2.15 -7.03
C ARG A 174 -10.95 2.60 -5.62
N LEU A 175 -11.74 1.81 -4.89
CA LEU A 175 -12.13 2.19 -3.53
C LEU A 175 -10.96 2.16 -2.57
N GLY A 176 -10.14 1.10 -2.62
CA GLY A 176 -8.98 1.04 -1.74
C GLY A 176 -7.96 2.12 -2.04
N LEU A 177 -7.82 2.48 -3.32
CA LEU A 177 -6.95 3.61 -3.67
C LEU A 177 -7.46 4.90 -3.03
N ALA A 178 -8.75 5.18 -3.19
CA ALA A 178 -9.29 6.42 -2.62
C ALA A 178 -9.19 6.40 -1.10
N LEU A 179 -9.44 5.24 -0.50
CA LEU A 179 -9.24 5.11 0.96
C LEU A 179 -7.82 5.51 1.36
N ASN A 180 -6.82 4.94 0.69
CA ASN A 180 -5.44 5.19 1.09
C ASN A 180 -5.01 6.62 0.75
N PHE A 181 -5.47 7.15 -0.39
CA PHE A 181 -5.17 8.55 -0.71
C PHE A 181 -5.80 9.47 0.32
N SER A 182 -7.00 9.13 0.79
CA SER A 182 -7.62 9.89 1.87
C SER A 182 -6.76 9.87 3.14
N VAL A 183 -6.23 8.69 3.51
CA VAL A 183 -5.33 8.60 4.66
C VAL A 183 -4.08 9.43 4.43
N PHE A 184 -3.52 9.38 3.20
CA PHE A 184 -2.41 10.25 2.86
C PHE A 184 -2.76 11.71 3.13
N HIS A 185 -3.94 12.16 2.66
CA HIS A 185 -4.30 13.56 2.88
C HIS A 185 -4.36 13.89 4.36
N TYR A 186 -4.95 12.99 5.15
CA TYR A 186 -5.19 13.26 6.55
C TYR A 186 -3.90 13.17 7.37
N GLU A 187 -3.12 12.12 7.14
CA GLU A 187 -2.03 11.80 8.03
C GLU A 187 -0.69 12.38 7.59
N ILE A 188 -0.50 12.60 6.31
CA ILE A 188 0.79 13.00 5.77
C ILE A 188 0.76 14.45 5.29
N ALA A 189 -0.25 14.81 4.51
CA ALA A 189 -0.29 16.10 3.81
C ALA A 189 -0.94 17.20 4.62
N ASN A 190 -1.35 16.92 5.85
CA ASN A 190 -1.96 17.95 6.70
C ASN A 190 -3.16 18.58 6.00
N SER A 191 -3.96 17.75 5.32
CA SER A 191 -5.14 18.22 4.59
C SER A 191 -6.37 17.43 5.02
N PRO A 192 -6.80 17.55 6.28
CA PRO A 192 -7.95 16.75 6.72
C PRO A 192 -9.23 17.07 5.94
N GLU A 193 -9.42 18.30 5.49
CA GLU A 193 -10.64 18.60 4.73
C GLU A 193 -10.64 17.85 3.40
N GLU A 194 -9.48 17.79 2.73
CA GLU A 194 -9.39 17.04 1.49
C GLU A 194 -9.63 15.55 1.76
N ALA A 195 -9.08 15.04 2.85
CA ALA A 195 -9.31 13.65 3.23
C ALA A 195 -10.79 13.35 3.43
N ILE A 196 -11.48 14.17 4.21
CA ILE A 196 -12.90 13.97 4.46
C ILE A 196 -13.71 14.08 3.17
N SER A 197 -13.43 15.08 2.36
CA SER A 197 -14.17 15.25 1.11
C SER A 197 -13.98 14.06 0.18
N LEU A 198 -12.73 13.59 0.05
CA LEU A 198 -12.49 12.44 -0.81
C LEU A 198 -13.24 11.20 -0.30
N ALA A 199 -13.15 10.93 1.01
CA ALA A 199 -13.81 9.74 1.54
C ALA A 199 -15.32 9.81 1.35
N LYS A 200 -15.92 10.99 1.57
CA LYS A 200 -17.37 11.17 1.43
C LYS A 200 -17.81 10.98 -0.02
N THR A 201 -17.15 11.67 -0.95
CA THR A 201 -17.51 11.55 -2.36
C THR A 201 -17.31 10.13 -2.88
N THR A 202 -16.23 9.47 -2.46
CA THR A 202 -15.99 8.08 -2.84
C THR A 202 -17.10 7.19 -2.34
N PHE A 203 -17.46 7.35 -1.06
CA PHE A 203 -18.52 6.53 -0.46
C PHE A 203 -19.86 6.75 -1.17
N ASP A 204 -20.23 8.02 -1.37
CA ASP A 204 -21.52 8.32 -1.99
C ASP A 204 -21.60 7.83 -3.43
N GLU A 205 -20.50 7.95 -4.18
CA GLU A 205 -20.57 7.49 -5.57
C GLU A 205 -20.60 5.97 -5.64
N ALA A 206 -19.95 5.29 -4.70
CA ALA A 206 -20.04 3.84 -4.67
C ALA A 206 -21.44 3.40 -4.26
N MET A 207 -22.02 4.05 -3.26
CA MET A 207 -23.37 3.71 -2.85
C MET A 207 -24.34 3.72 -4.03
N ALA A 208 -24.22 4.74 -4.89
CA ALA A 208 -25.15 4.91 -6.00
C ALA A 208 -24.93 3.90 -7.10
N ASP A 209 -23.81 3.17 -7.09
CA ASP A 209 -23.48 2.16 -8.08
C ASP A 209 -23.70 0.73 -7.59
N LEU A 210 -24.07 0.55 -6.30
CA LEU A 210 -24.19 -0.80 -5.75
C LEU A 210 -25.27 -1.60 -6.45
N HIS A 211 -26.31 -0.93 -6.95
CA HIS A 211 -27.42 -1.64 -7.58
C HIS A 211 -26.99 -2.48 -8.78
N THR A 212 -25.82 -2.20 -9.37
CA THR A 212 -25.35 -2.88 -10.57
C THR A 212 -24.67 -4.21 -10.29
N LEU A 213 -24.40 -4.51 -9.02
CA LEU A 213 -23.47 -5.56 -8.62
C LEU A 213 -24.18 -6.86 -8.28
N SER A 214 -23.44 -7.97 -8.44
CA SER A 214 -23.86 -9.25 -7.93
C SER A 214 -23.74 -9.29 -6.40
N GLU A 215 -24.29 -10.35 -5.81
CA GLU A 215 -24.19 -10.52 -4.36
C GLU A 215 -22.74 -10.55 -3.89
N ASP A 216 -21.86 -11.25 -4.61
CA ASP A 216 -20.47 -11.32 -4.16
C ASP A 216 -19.74 -9.99 -4.34
N SER A 217 -19.95 -9.31 -5.47
CA SER A 217 -19.31 -8.02 -5.69
C SER A 217 -19.83 -6.98 -4.72
N TYR A 218 -21.13 -7.04 -4.42
CA TYR A 218 -21.71 -6.18 -3.40
C TYR A 218 -20.96 -6.33 -2.08
N LYS A 219 -20.69 -7.58 -1.66
CA LYS A 219 -19.95 -7.81 -0.43
C LYS A 219 -18.54 -7.23 -0.50
N ASP A 220 -17.86 -7.43 -1.63
CA ASP A 220 -16.51 -6.87 -1.81
C ASP A 220 -16.51 -5.36 -1.65
N SER A 221 -17.46 -4.69 -2.30
CA SER A 221 -17.47 -3.23 -2.32
C SER A 221 -17.93 -2.65 -0.98
N THR A 222 -18.99 -3.21 -0.40
CA THR A 222 -19.50 -2.63 0.84
C THR A 222 -18.50 -2.80 1.96
N LEU A 223 -17.69 -3.86 1.90
CA LEU A 223 -16.68 -4.05 2.94
C LEU A 223 -15.66 -2.92 2.92
N ILE A 224 -15.28 -2.45 1.74
CA ILE A 224 -14.34 -1.32 1.67
C ILE A 224 -15.06 -0.02 1.97
N MET A 225 -16.32 0.11 1.54
CA MET A 225 -17.03 1.32 1.91
C MET A 225 -17.15 1.46 3.43
N GLN A 226 -17.25 0.35 4.16
CA GLN A 226 -17.31 0.46 5.62
C GLN A 226 -16.03 1.08 6.18
N LEU A 227 -14.88 0.78 5.58
CA LEU A 227 -13.63 1.39 6.01
C LEU A 227 -13.62 2.90 5.77
N LEU A 228 -14.13 3.34 4.61
CA LEU A 228 -14.27 4.78 4.38
C LEU A 228 -15.16 5.38 5.46
N ARG A 229 -16.27 4.72 5.76
CA ARG A 229 -17.18 5.24 6.78
C ARG A 229 -16.51 5.28 8.15
N ASP A 230 -15.75 4.25 8.50
CA ASP A 230 -15.07 4.24 9.80
C ASP A 230 -14.13 5.43 9.92
N ASN A 231 -13.38 5.75 8.86
CA ASN A 231 -12.47 6.89 8.91
C ASN A 231 -13.25 8.19 9.05
N LEU A 232 -14.33 8.35 8.27
CA LEU A 232 -15.15 9.55 8.38
C LEU A 232 -15.67 9.72 9.79
N THR A 233 -16.07 8.63 10.42
CA THR A 233 -16.55 8.71 11.81
C THR A 233 -15.44 9.16 12.75
N LEU A 234 -14.23 8.67 12.52
CA LEU A 234 -13.10 9.12 13.31
C LEU A 234 -12.76 10.59 13.04
N TRP A 235 -12.96 11.05 11.81
CA TRP A 235 -12.49 12.38 11.43
C TRP A 235 -13.53 13.47 11.64
N THR A 236 -14.78 13.12 11.88
CA THR A 236 -15.82 14.13 11.98
C THR A 236 -16.63 14.00 13.28
N ALA B 5 -6.84 6.13 11.89
CA ALA B 5 -7.35 6.07 10.52
C ALA B 5 -6.80 4.85 9.78
N GLY B 6 -7.71 4.01 9.28
CA GLY B 6 -7.31 2.76 8.67
C GLY B 6 -7.07 2.86 7.18
N SEP B 7 -5.98 2.27 6.71
CA SEP B 7 -5.76 2.12 5.30
CB SEP B 7 -4.26 2.24 4.97
OG SEP B 7 -3.57 1.30 5.75
C SEP B 7 -6.27 0.75 4.89
O SEP B 7 -6.73 -0.02 5.74
P SEP B 7 -1.99 1.57 5.73
O1P SEP B 7 -1.63 2.92 6.47
O2P SEP B 7 -1.46 0.34 6.59
O3P SEP B 7 -1.46 1.47 4.24
N ILE B 8 -6.14 0.40 3.63
CA ILE B 8 -6.75 -0.82 3.13
C ILE B 8 -5.93 -2.03 3.58
N PRO B 9 -6.61 -3.11 3.96
CA PRO B 9 -5.94 -4.39 4.18
C PRO B 9 -5.80 -5.19 2.89
N GLY B 10 -4.87 -6.14 2.92
CA GLY B 10 -4.59 -6.92 1.71
C GLY B 10 -5.58 -8.03 1.44
N ARG B 11 -6.14 -8.64 2.48
CA ARG B 11 -7.03 -9.79 2.36
C ARG B 11 -8.30 -9.57 3.15
N ARG B 12 -9.37 -10.24 2.72
CA ARG B 12 -10.65 -10.21 3.44
C ARG B 12 -10.61 -11.16 4.64
CL CL C . 20.96 -0.84 17.31
C01 V3Q D . -10.58 -7.66 6.19
C03 V3Q D . -10.87 -5.82 4.72
C04 V3Q D . -11.58 -4.65 4.50
C05 V3Q D . -11.76 -4.19 3.21
C06 V3Q D . -11.23 -4.89 2.13
C07 V3Q D . -10.52 -6.06 2.34
C08 V3Q D . -9.96 -6.83 1.15
C10 V3Q D . -9.38 -5.45 -0.95
C11 V3Q D . -8.37 -4.50 -1.58
C12 V3Q D . -8.80 -3.41 -2.32
C13 V3Q D . -7.87 -2.54 -2.86
C14 V3Q D . -6.50 -2.73 -2.65
C15 V3Q D . -6.08 -3.81 -1.91
C16 V3Q D . -7.00 -4.69 -1.36
C17 V3Q D . -5.46 -1.77 -3.26
C19 V3Q D . -10.34 -6.52 3.65
N09 V3Q D . -9.09 -5.93 0.40
O02 V3Q D . -10.69 -6.27 6.03
O18 V3Q D . -10.36 -5.75 -1.55
MG MG E . 11.39 -21.26 -16.19
CL CL F . 1.50 -5.02 -20.59
C1 GOL G . -2.92 -6.87 5.20
O1 GOL G . -3.66 -5.92 5.90
C2 GOL G . -3.52 -8.28 5.47
O2 GOL G . -4.91 -8.35 5.32
C3 GOL G . -2.81 -9.17 4.44
O3 GOL G . -2.47 -10.35 5.09
#